data_7XH0
#
_entry.id   7XH0
#
_cell.length_a   68.510
_cell.length_b   73.138
_cell.length_c   99.975
_cell.angle_alpha   90.000
_cell.angle_beta   90.000
_cell.angle_gamma   90.000
#
_symmetry.space_group_name_H-M   'C 2 2 21'
#
loop_
_entity.id
_entity.type
_entity.pdbx_description
1 polymer Chitosanase
2 non-polymer 'CITRATE ANION'
3 non-polymer 1,2-ETHANEDIOL
4 water water
#
_entity_poly.entity_id   1
_entity_poly.type   'polypeptide(L)'
_entity_poly.pdbx_seq_one_letter_code
;MTKILVVLLSFSFLVSFFGINALLPTKAYAANSHDENFSPETLKFLRTNTGLDGEQWDNIMKLINKPEQDSLDWTKYYGY
CEDIGDDRGYTIGIFGATTGGSNDKHPDGPTLFKEFDAASGAANPSVEGGLARIGVNGSMKGSILKIKDSEKVFCGKIKK
LQNNDTWREAIWQTFYKVYIKYSVQQARQRGFNSALTIGSFVDTALNQGATGDSGTLQGILSRSGKSTDEKTFMKKFYAE
RTLVVDTNDYNQPPNGKNRVKQWSQLWDMGKADLKNADDAIVKVTSWKMKKSSVDKLAAALEHHHHHH
;
_entity_poly.pdbx_strand_id   A
#
loop_
_chem_comp.id
_chem_comp.type
_chem_comp.name
_chem_comp.formula
EDO non-polymer 1,2-ETHANEDIOL 'C2 H6 O2'
FLC non-polymer 'CITRATE ANION' 'C6 H5 O7 -3'
#
# COMPACT_ATOMS: atom_id res chain seq x y z
N SER A 33 7.62 20.10 0.03
CA SER A 33 6.14 20.15 -0.11
C SER A 33 5.57 18.73 -0.30
N HIS A 34 4.73 18.26 0.63
CA HIS A 34 4.24 16.86 0.60
C HIS A 34 3.48 16.57 -0.70
N ASP A 35 2.80 17.55 -1.31
CA ASP A 35 1.93 17.20 -2.47
C ASP A 35 2.78 16.92 -3.71
N GLU A 36 4.06 17.37 -3.76
CA GLU A 36 5.03 16.99 -4.83
C GLU A 36 5.13 15.46 -4.87
N ASN A 37 4.61 14.78 -3.83
CA ASN A 37 4.73 13.31 -3.73
C ASN A 37 3.59 12.62 -4.49
N PHE A 38 2.68 13.39 -5.08
CA PHE A 38 1.55 12.84 -5.83
C PHE A 38 1.66 13.41 -7.24
N SER A 39 0.48 13.65 -7.77
CA SER A 39 0.20 14.36 -9.04
C SER A 39 -1.17 14.97 -8.83
N PRO A 40 -1.54 16.03 -9.55
CA PRO A 40 -2.87 16.61 -9.37
C PRO A 40 -3.97 15.57 -9.57
N GLU A 41 -3.84 14.65 -10.55
CA GLU A 41 -4.92 13.69 -10.87
C GLU A 41 -5.02 12.67 -9.74
N THR A 42 -3.88 12.29 -9.18
CA THR A 42 -3.89 11.38 -8.02
C THR A 42 -4.55 12.07 -6.84
N LEU A 43 -4.23 13.32 -6.59
CA LEU A 43 -4.85 14.03 -5.45
C LEU A 43 -6.36 14.05 -5.64
N LYS A 44 -6.86 14.39 -6.84
CA LYS A 44 -8.32 14.48 -7.07
C LYS A 44 -8.93 13.08 -6.88
N PHE A 45 -8.25 12.08 -7.39
CA PHE A 45 -8.75 10.70 -7.37
C PHE A 45 -8.89 10.28 -5.89
N LEU A 46 -7.82 10.51 -5.13
CA LEU A 46 -7.82 10.06 -3.70
C LEU A 46 -8.87 10.87 -2.92
N ARG A 47 -9.03 12.15 -3.24
CA ARG A 47 -10.01 12.97 -2.48
C ARG A 47 -11.40 12.45 -2.77
N THR A 48 -11.75 12.25 -4.03
CA THR A 48 -13.13 11.86 -4.42
C THR A 48 -13.45 10.49 -3.81
N ASN A 49 -12.48 9.58 -3.83
CA ASN A 49 -12.73 8.14 -3.51
C ASN A 49 -12.41 7.79 -2.06
N THR A 50 -11.67 8.63 -1.33
CA THR A 50 -11.27 8.30 0.06
C THR A 50 -11.69 9.38 1.05
N GLY A 51 -11.97 10.59 0.56
CA GLY A 51 -12.27 11.75 1.40
C GLY A 51 -11.02 12.37 1.96
N LEU A 52 -9.82 11.86 1.67
CA LEU A 52 -8.57 12.35 2.31
C LEU A 52 -7.74 13.16 1.32
N ASP A 53 -7.01 14.12 1.84
CA ASP A 53 -6.18 15.04 1.02
C ASP A 53 -4.75 14.56 0.99
N GLY A 54 -3.88 15.32 0.34
CA GLY A 54 -2.49 14.90 0.12
C GLY A 54 -1.70 14.80 1.41
N GLU A 55 -1.91 15.73 2.33
CA GLU A 55 -1.24 15.65 3.67
C GLU A 55 -1.58 14.32 4.36
N GLN A 56 -2.86 13.97 4.35
CA GLN A 56 -3.39 12.76 5.03
C GLN A 56 -2.79 11.53 4.36
N TRP A 57 -2.82 11.47 3.03
CA TRP A 57 -2.22 10.30 2.31
C TRP A 57 -0.71 10.28 2.47
N ASP A 58 -0.03 11.42 2.43
CA ASP A 58 1.41 11.45 2.66
C ASP A 58 1.73 10.86 4.04
N ASN A 59 0.91 11.20 5.02
CA ASN A 59 1.14 10.72 6.40
C ASN A 59 0.89 9.20 6.47
N ILE A 60 -0.19 8.73 5.87
CA ILE A 60 -0.48 7.27 5.84
C ILE A 60 0.74 6.55 5.22
N MET A 61 1.27 7.09 4.12
CA MET A 61 2.37 6.43 3.39
C MET A 61 3.67 6.47 4.21
N LYS A 62 3.93 7.56 4.93
CA LYS A 62 5.10 7.55 5.86
C LYS A 62 4.98 6.40 6.86
N LEU A 63 3.80 6.27 7.45
CA LEU A 63 3.53 5.24 8.47
C LEU A 63 3.62 3.85 7.86
N ILE A 64 3.10 3.64 6.66
CA ILE A 64 3.22 2.31 5.99
C ILE A 64 4.70 2.06 5.66
N ASN A 65 5.42 3.09 5.22
CA ASN A 65 6.78 2.89 4.68
C ASN A 65 7.73 2.49 5.81
N LYS A 66 7.49 2.93 7.04
CA LYS A 66 8.43 2.64 8.15
C LYS A 66 8.69 1.14 8.24
N PRO A 67 7.65 0.28 8.41
CA PRO A 67 7.91 -1.15 8.58
C PRO A 67 8.29 -1.84 7.29
N GLU A 68 7.99 -1.25 6.14
CA GLU A 68 8.29 -1.88 4.82
CA GLU A 68 8.31 -1.88 4.83
C GLU A 68 9.75 -1.61 4.40
N GLN A 69 10.26 -0.39 4.61
CA GLN A 69 11.59 0.00 4.06
C GLN A 69 12.47 0.69 5.11
N ASP A 70 12.01 0.77 6.37
CA ASP A 70 12.70 1.43 7.52
C ASP A 70 13.06 2.89 7.20
N SER A 71 12.16 3.59 6.52
CA SER A 71 12.32 5.02 6.13
C SER A 71 10.92 5.62 5.98
N LEU A 72 10.76 6.92 6.22
CA LEU A 72 9.48 7.62 5.96
C LEU A 72 9.45 8.09 4.50
N ASP A 73 10.54 7.92 3.76
CA ASP A 73 10.66 8.46 2.39
C ASP A 73 10.04 7.41 1.45
N TRP A 74 8.72 7.42 1.29
CA TRP A 74 8.00 6.45 0.45
C TRP A 74 8.08 6.87 -1.03
N THR A 75 8.10 8.18 -1.28
CA THR A 75 8.06 8.75 -2.65
C THR A 75 9.18 8.14 -3.49
N LYS A 76 10.35 7.85 -2.93
CA LYS A 76 11.47 7.39 -3.77
C LYS A 76 11.22 5.96 -4.23
N TYR A 77 10.13 5.32 -3.80
CA TYR A 77 9.78 3.94 -4.21
C TYR A 77 8.84 3.92 -5.41
N TYR A 78 8.38 5.05 -5.95
CA TYR A 78 7.55 4.97 -7.18
C TYR A 78 8.27 4.17 -8.28
N GLY A 79 9.56 4.39 -8.44
CA GLY A 79 10.37 3.73 -9.46
C GLY A 79 11.09 2.50 -8.96
N TYR A 80 10.78 2.05 -7.74
CA TYR A 80 11.41 0.85 -7.15
C TYR A 80 11.02 -0.41 -7.93
N CYS A 81 12.04 -1.23 -8.16
CA CYS A 81 11.87 -2.51 -8.86
C CYS A 81 12.98 -3.44 -8.44
N GLU A 82 12.65 -4.54 -7.80
CA GLU A 82 13.72 -5.48 -7.37
C GLU A 82 13.09 -6.85 -7.28
N ASP A 83 13.83 -7.86 -7.71
CA ASP A 83 13.48 -9.25 -7.37
C ASP A 83 14.17 -9.60 -6.06
N ILE A 84 13.45 -9.69 -4.96
CA ILE A 84 14.08 -9.87 -3.62
C ILE A 84 14.24 -11.37 -3.32
N GLY A 85 13.96 -12.23 -4.29
CA GLY A 85 14.25 -13.67 -4.15
C GLY A 85 13.21 -14.43 -3.37
N ASP A 86 11.98 -13.92 -3.29
CA ASP A 86 10.89 -14.53 -2.51
C ASP A 86 10.01 -15.35 -3.45
N ASP A 87 10.43 -15.59 -4.71
CA ASP A 87 9.64 -16.30 -5.72
C ASP A 87 8.29 -15.58 -5.95
N ARG A 88 8.31 -14.26 -5.88
CA ARG A 88 7.17 -13.40 -6.26
C ARG A 88 7.52 -12.59 -7.51
N GLY A 89 8.62 -12.89 -8.17
CA GLY A 89 9.03 -12.14 -9.37
C GLY A 89 9.65 -10.83 -8.96
N TYR A 90 9.35 -9.73 -9.66
CA TYR A 90 9.83 -8.39 -9.30
C TYR A 90 8.80 -7.72 -8.40
N THR A 91 9.30 -7.04 -7.38
CA THR A 91 8.52 -6.21 -6.45
C THR A 91 8.69 -4.76 -6.90
N ILE A 92 7.57 -4.08 -7.13
CA ILE A 92 7.54 -2.80 -7.85
C ILE A 92 6.74 -1.74 -7.09
N GLY A 93 7.29 -0.55 -7.06
CA GLY A 93 6.52 0.62 -6.64
C GLY A 93 6.39 0.77 -5.14
N ILE A 94 5.44 1.61 -4.74
CA ILE A 94 5.30 2.10 -3.34
C ILE A 94 4.58 1.05 -2.49
N PHE A 95 3.84 0.10 -3.04
CA PHE A 95 3.04 -0.84 -2.19
C PHE A 95 3.47 -2.28 -2.47
N GLY A 96 4.62 -2.48 -3.10
CA GLY A 96 5.16 -3.84 -3.35
C GLY A 96 4.19 -4.64 -4.22
N ALA A 97 3.82 -4.09 -5.37
CA ALA A 97 3.16 -4.86 -6.44
C ALA A 97 4.14 -5.94 -6.90
N THR A 98 3.69 -7.13 -7.29
CA THR A 98 4.63 -8.18 -7.72
C THR A 98 4.24 -8.66 -9.10
N THR A 99 5.22 -9.10 -9.87
CA THR A 99 5.01 -9.65 -11.23
C THR A 99 4.57 -11.12 -11.16
N GLY A 100 4.95 -11.85 -10.11
CA GLY A 100 4.41 -13.19 -9.89
C GLY A 100 5.50 -14.23 -9.95
N GLY A 101 5.21 -15.35 -9.34
CA GLY A 101 6.12 -16.50 -9.35
C GLY A 101 5.51 -17.64 -8.61
N SER A 102 6.35 -18.62 -8.25
CA SER A 102 5.93 -19.84 -7.55
C SER A 102 5.28 -19.53 -6.22
N ASN A 103 5.60 -18.41 -5.56
CA ASN A 103 4.96 -18.11 -4.27
C ASN A 103 4.04 -16.91 -4.43
N ASP A 104 3.56 -16.66 -5.64
CA ASP A 104 2.67 -15.51 -5.87
C ASP A 104 1.97 -15.72 -7.19
N LYS A 105 0.96 -16.60 -7.19
CA LYS A 105 0.34 -17.06 -8.45
C LYS A 105 -0.81 -16.12 -8.84
N HIS A 106 -1.18 -15.17 -7.98
CA HIS A 106 -2.29 -14.20 -8.26
C HIS A 106 -1.73 -12.79 -8.05
N PRO A 107 -0.71 -12.39 -8.83
CA PRO A 107 0.01 -11.14 -8.57
C PRO A 107 -0.85 -9.96 -9.03
N ASP A 108 -0.55 -8.79 -8.48
CA ASP A 108 -1.21 -7.52 -8.88
C ASP A 108 -0.32 -6.72 -9.84
N GLY A 109 0.91 -7.17 -10.15
CA GLY A 109 1.76 -6.51 -11.15
C GLY A 109 1.09 -6.39 -12.52
N PRO A 110 0.46 -7.45 -13.04
CA PRO A 110 -0.20 -7.31 -14.33
C PRO A 110 -1.25 -6.19 -14.29
N THR A 111 -2.08 -6.17 -13.24
CA THR A 111 -3.07 -5.08 -13.06
C THR A 111 -2.37 -3.70 -13.12
N LEU A 112 -1.22 -3.54 -12.51
CA LEU A 112 -0.49 -2.26 -12.53
C LEU A 112 -0.12 -1.87 -13.97
N PHE A 113 0.40 -2.80 -14.74
CA PHE A 113 0.78 -2.48 -16.15
C PHE A 113 -0.47 -2.19 -16.98
N LYS A 114 -1.57 -2.90 -16.72
CA LYS A 114 -2.83 -2.64 -17.46
C LYS A 114 -3.35 -1.25 -17.06
N GLU A 115 -3.24 -0.88 -15.79
CA GLU A 115 -3.65 0.47 -15.33
C GLU A 115 -2.74 1.54 -15.93
N PHE A 116 -1.46 1.24 -16.11
CA PHE A 116 -0.56 2.19 -16.78
C PHE A 116 -0.95 2.39 -18.26
N ASP A 117 -1.28 1.30 -18.95
CA ASP A 117 -1.82 1.37 -20.34
C ASP A 117 -3.06 2.28 -20.31
N ALA A 118 -3.98 2.04 -19.38
CA ALA A 118 -5.23 2.81 -19.28
C ALA A 118 -4.90 4.28 -19.06
N ALA A 119 -4.04 4.57 -18.11
CA ALA A 119 -3.70 5.96 -17.76
C ALA A 119 -3.04 6.65 -18.96
N SER A 120 -2.33 5.87 -19.76
CA SER A 120 -1.62 6.34 -20.98
C SER A 120 -2.60 6.59 -22.15
N GLY A 121 -3.88 6.27 -22.01
CA GLY A 121 -4.95 6.61 -22.99
C GLY A 121 -5.30 5.44 -23.88
N ALA A 122 -4.89 4.23 -23.51
CA ALA A 122 -5.15 3.05 -24.37
C ALA A 122 -6.66 2.89 -24.52
N ALA A 123 -7.14 2.63 -25.74
CA ALA A 123 -8.56 2.34 -26.01
C ALA A 123 -8.94 0.99 -25.39
N ASN A 124 -8.05 0.00 -25.43
CA ASN A 124 -8.34 -1.38 -24.92
C ASN A 124 -7.17 -1.77 -24.03
N PRO A 125 -7.15 -1.25 -22.77
CA PRO A 125 -6.01 -1.44 -21.89
C PRO A 125 -5.71 -2.93 -21.66
N SER A 126 -4.42 -3.24 -21.66
CA SER A 126 -3.93 -4.60 -21.45
C SER A 126 -2.60 -4.51 -20.72
N VAL A 127 -2.20 -5.60 -20.11
CA VAL A 127 -0.85 -5.74 -19.55
C VAL A 127 0.16 -5.50 -20.67
N GLU A 128 -0.04 -6.16 -21.81
CA GLU A 128 0.90 -6.13 -22.94
C GLU A 128 1.03 -4.67 -23.40
N GLY A 129 -0.08 -3.92 -23.45
CA GLY A 129 0.01 -2.50 -23.86
C GLY A 129 0.84 -1.68 -22.90
N GLY A 130 0.66 -1.91 -21.61
CA GLY A 130 1.44 -1.16 -20.59
C GLY A 130 2.92 -1.47 -20.75
N LEU A 131 3.27 -2.74 -20.93
CA LEU A 131 4.69 -3.17 -21.11
C LEU A 131 5.24 -2.54 -22.39
N ALA A 132 4.41 -2.49 -23.43
CA ALA A 132 4.83 -2.06 -24.78
C ALA A 132 5.25 -0.60 -24.69
N ARG A 133 4.52 0.21 -23.94
CA ARG A 133 4.76 1.68 -23.79
C ARG A 133 6.13 1.96 -23.20
N ILE A 134 6.64 1.09 -22.33
CA ILE A 134 8.00 1.28 -21.76
C ILE A 134 8.98 0.30 -22.40
N GLY A 135 8.60 -0.39 -23.45
CA GLY A 135 9.54 -1.22 -24.22
C GLY A 135 10.02 -2.41 -23.44
N VAL A 136 9.21 -2.95 -22.52
CA VAL A 136 9.59 -4.15 -21.74
C VAL A 136 9.29 -5.39 -22.56
N ASN A 137 10.27 -6.28 -22.67
CA ASN A 137 10.06 -7.62 -23.25
C ASN A 137 9.52 -8.49 -22.13
N GLY A 138 8.23 -8.78 -22.17
CA GLY A 138 7.60 -9.70 -21.22
C GLY A 138 6.24 -10.07 -21.74
N SER A 139 5.65 -11.09 -21.18
CA SER A 139 4.31 -11.57 -21.57
C SER A 139 3.66 -12.18 -20.35
N MET A 140 2.35 -12.30 -20.41
CA MET A 140 1.59 -13.08 -19.42
C MET A 140 1.77 -14.55 -19.77
N LYS A 141 2.12 -15.33 -18.77
CA LYS A 141 2.19 -16.79 -18.82
C LYS A 141 1.14 -17.24 -17.82
N GLY A 142 -0.11 -17.34 -18.27
CA GLY A 142 -1.22 -17.64 -17.36
C GLY A 142 -1.48 -16.45 -16.46
N SER A 143 -1.30 -16.63 -15.15
CA SER A 143 -1.64 -15.62 -14.13
C SER A 143 -0.39 -14.75 -13.84
N ILE A 144 0.77 -15.15 -14.36
CA ILE A 144 2.12 -14.60 -14.00
C ILE A 144 2.61 -13.74 -15.16
N LEU A 145 3.20 -12.60 -14.84
CA LEU A 145 3.96 -11.76 -15.80
C LEU A 145 5.40 -12.27 -15.81
N LYS A 146 5.82 -12.82 -16.95
CA LYS A 146 7.21 -13.31 -17.15
C LYS A 146 7.98 -12.25 -17.92
N ILE A 147 8.99 -11.72 -17.28
CA ILE A 147 9.84 -10.64 -17.87
C ILE A 147 11.03 -11.33 -18.54
N LYS A 148 11.25 -11.06 -19.81
CA LYS A 148 12.37 -11.63 -20.59
C LYS A 148 13.58 -10.70 -20.50
N ASP A 149 13.38 -9.39 -20.26
CA ASP A 149 14.48 -8.43 -20.03
C ASP A 149 15.30 -8.89 -18.83
N SER A 150 16.60 -8.55 -18.80
CA SER A 150 17.44 -8.83 -17.61
C SER A 150 16.89 -8.03 -16.42
N GLU A 151 17.25 -8.45 -15.21
CA GLU A 151 16.94 -7.69 -13.96
C GLU A 151 17.42 -6.26 -14.16
N LYS A 152 18.65 -6.09 -14.66
CA LYS A 152 19.25 -4.75 -14.81
C LYS A 152 18.41 -3.91 -15.79
N VAL A 153 18.06 -4.48 -16.94
CA VAL A 153 17.30 -3.75 -18.00
C VAL A 153 15.90 -3.43 -17.46
N PHE A 154 15.24 -4.42 -16.86
CA PHE A 154 13.83 -4.24 -16.39
C PHE A 154 13.79 -3.20 -15.27
N CYS A 155 14.67 -3.35 -14.29
CA CYS A 155 14.69 -2.42 -13.15
C CYS A 155 15.01 -1.01 -13.65
N GLY A 156 15.91 -0.87 -14.64
CA GLY A 156 16.24 0.44 -15.18
C GLY A 156 15.05 1.10 -15.87
N LYS A 157 14.21 0.32 -16.53
CA LYS A 157 13.01 0.84 -17.24
C LYS A 157 12.00 1.36 -16.21
N ILE A 158 11.84 0.64 -15.10
CA ILE A 158 10.87 1.06 -14.06
C ILE A 158 11.41 2.29 -13.35
N LYS A 159 12.70 2.34 -13.09
CA LYS A 159 13.31 3.48 -12.38
C LYS A 159 13.01 4.78 -13.14
N LYS A 160 13.05 4.73 -14.46
CA LYS A 160 12.80 5.91 -15.32
C LYS A 160 11.37 6.46 -15.09
N LEU A 161 10.50 5.72 -14.44
CA LEU A 161 9.10 6.20 -14.26
C LEU A 161 8.92 6.94 -12.92
N GLN A 162 9.95 7.10 -12.11
CA GLN A 162 9.90 7.73 -10.76
C GLN A 162 9.07 9.02 -10.79
N ASN A 163 9.27 9.85 -11.82
CA ASN A 163 8.67 11.22 -11.86
C ASN A 163 7.62 11.30 -12.97
N ASN A 164 7.14 10.15 -13.42
CA ASN A 164 6.18 10.08 -14.54
C ASN A 164 4.80 10.11 -13.89
N ASP A 165 4.01 11.14 -14.14
CA ASP A 165 2.72 11.25 -13.43
C ASP A 165 1.78 10.15 -13.86
N THR A 166 1.86 9.72 -15.10
CA THR A 166 1.00 8.62 -15.63
C THR A 166 1.30 7.35 -14.83
N TRP A 167 2.56 7.09 -14.56
CA TRP A 167 2.95 5.92 -13.75
C TRP A 167 2.48 6.11 -12.30
N ARG A 168 2.70 7.30 -11.72
CA ARG A 168 2.24 7.57 -10.33
C ARG A 168 0.71 7.33 -10.27
N GLU A 169 -0.01 7.72 -11.31
CA GLU A 169 -1.48 7.58 -11.33
C GLU A 169 -1.86 6.10 -11.42
N ALA A 170 -1.15 5.32 -12.23
CA ALA A 170 -1.42 3.87 -12.36
C ALA A 170 -1.11 3.18 -11.03
N ILE A 171 -0.04 3.61 -10.37
CA ILE A 171 0.37 3.07 -9.06
C ILE A 171 -0.80 3.27 -8.10
N TRP A 172 -1.31 4.49 -7.98
CA TRP A 172 -2.39 4.76 -6.99
C TRP A 172 -3.71 4.12 -7.43
N GLN A 173 -4.00 4.05 -8.72
CA GLN A 173 -5.22 3.38 -9.19
C GLN A 173 -5.16 1.89 -8.83
N THR A 174 -3.99 1.27 -8.98
CA THR A 174 -3.80 -0.14 -8.63
C THR A 174 -3.92 -0.31 -7.10
N PHE A 175 -3.27 0.56 -6.36
CA PHE A 175 -3.26 0.51 -4.88
C PHE A 175 -4.72 0.56 -4.40
N TYR A 176 -5.49 1.44 -5.04
CA TYR A 176 -6.92 1.64 -4.74
C TYR A 176 -7.69 0.34 -5.04
N LYS A 177 -7.54 -0.21 -6.25
CA LYS A 177 -8.34 -1.40 -6.64
C LYS A 177 -8.00 -2.56 -5.71
N VAL A 178 -6.74 -2.74 -5.34
CA VAL A 178 -6.33 -4.00 -4.64
C VAL A 178 -6.52 -3.83 -3.14
N TYR A 179 -6.27 -2.65 -2.58
CA TYR A 179 -6.26 -2.49 -1.10
C TYR A 179 -7.14 -1.36 -0.55
N ILE A 180 -7.08 -0.18 -1.12
CA ILE A 180 -7.67 1.02 -0.47
C ILE A 180 -9.20 1.02 -0.55
N LYS A 181 -9.80 0.67 -1.69
CA LYS A 181 -11.26 0.68 -1.86
C LYS A 181 -11.92 -0.19 -0.77
N TYR A 182 -11.44 -1.40 -0.58
CA TYR A 182 -12.00 -2.32 0.43
C TYR A 182 -11.86 -1.69 1.83
N SER A 183 -10.68 -1.12 2.10
CA SER A 183 -10.35 -0.48 3.40
C SER A 183 -11.31 0.69 3.65
N VAL A 184 -11.52 1.53 2.65
CA VAL A 184 -12.44 2.68 2.79
C VAL A 184 -13.87 2.20 2.98
N GLN A 185 -14.28 1.18 2.23
CA GLN A 185 -15.66 0.64 2.31
C GLN A 185 -15.90 0.10 3.72
N GLN A 186 -14.92 -0.60 4.29
CA GLN A 186 -15.06 -1.23 5.61
C GLN A 186 -15.12 -0.14 6.69
N ALA A 187 -14.39 0.95 6.53
CA ALA A 187 -14.43 2.04 7.50
C ALA A 187 -15.81 2.70 7.39
N ARG A 188 -16.23 2.97 6.17
CA ARG A 188 -17.42 3.80 5.93
C ARG A 188 -18.70 3.07 6.35
N GLN A 189 -18.77 1.76 6.17
CA GLN A 189 -20.00 1.00 6.51
C GLN A 189 -20.16 1.06 8.04
N ARG A 190 -19.09 1.31 8.79
CA ARG A 190 -19.13 1.43 10.27
C ARG A 190 -19.31 2.88 10.72
N GLY A 191 -19.36 3.84 9.80
CA GLY A 191 -19.40 5.27 10.18
C GLY A 191 -18.06 5.78 10.64
N PHE A 192 -16.96 5.12 10.26
CA PHE A 192 -15.59 5.57 10.56
C PHE A 192 -15.06 6.19 9.28
N ASN A 193 -14.62 7.45 9.37
CA ASN A 193 -14.14 8.16 8.17
C ASN A 193 -12.76 8.74 8.39
N SER A 194 -12.16 8.54 9.57
CA SER A 194 -10.91 9.24 9.92
C SER A 194 -9.80 8.74 9.02
N ALA A 195 -8.85 9.63 8.75
CA ALA A 195 -7.60 9.27 8.05
C ALA A 195 -6.92 8.11 8.78
N LEU A 196 -6.88 8.18 10.10
CA LEU A 196 -6.10 7.20 10.88
C LEU A 196 -6.79 5.83 10.77
N THR A 197 -8.12 5.75 10.80
CA THR A 197 -8.79 4.44 10.62
C THR A 197 -8.49 3.89 9.21
N ILE A 198 -8.68 4.72 8.20
CA ILE A 198 -8.48 4.28 6.79
C ILE A 198 -7.03 3.83 6.64
N GLY A 199 -6.07 4.61 7.09
CA GLY A 199 -4.66 4.20 6.97
C GLY A 199 -4.34 2.96 7.78
N SER A 200 -4.98 2.82 8.95
CA SER A 200 -4.80 1.60 9.78
C SER A 200 -5.25 0.37 8.99
N PHE A 201 -6.39 0.50 8.32
CA PHE A 201 -6.97 -0.61 7.54
C PHE A 201 -6.12 -0.88 6.30
N VAL A 202 -5.68 0.16 5.61
CA VAL A 202 -4.87 0.01 4.38
C VAL A 202 -3.56 -0.69 4.74
N ASP A 203 -2.92 -0.31 5.83
CA ASP A 203 -1.65 -0.95 6.27
C ASP A 203 -1.86 -2.43 6.49
N THR A 204 -2.98 -2.78 7.13
CA THR A 204 -3.36 -4.18 7.43
C THR A 204 -3.55 -4.95 6.11
N ALA A 205 -4.32 -4.37 5.21
CA ALA A 205 -4.64 -4.99 3.91
C ALA A 205 -3.36 -5.20 3.12
N LEU A 206 -2.52 -4.17 3.01
CA LEU A 206 -1.23 -4.25 2.27
CA LEU A 206 -1.24 -4.26 2.27
C LEU A 206 -0.34 -5.35 2.87
N ASN A 207 -0.20 -5.37 4.18
CA ASN A 207 0.75 -6.26 4.87
C ASN A 207 0.23 -7.70 4.86
N GLN A 208 -1.08 -7.89 5.06
CA GLN A 208 -1.65 -9.20 5.46
C GLN A 208 -2.67 -9.67 4.44
N GLY A 209 -2.93 -8.86 3.39
CA GLY A 209 -4.00 -9.15 2.41
C GLY A 209 -5.32 -8.52 2.80
N ALA A 210 -6.08 -8.10 1.81
CA ALA A 210 -7.35 -7.39 2.04
C ALA A 210 -8.42 -8.41 2.48
N THR A 211 -8.63 -9.44 1.66
CA THR A 211 -9.69 -10.43 1.89
C THR A 211 -9.13 -11.84 1.69
N GLY A 212 -9.82 -12.80 2.29
CA GLY A 212 -9.46 -14.23 2.19
C GLY A 212 -9.37 -14.82 3.58
N ASP A 213 -8.18 -15.19 3.99
CA ASP A 213 -7.95 -16.02 5.19
C ASP A 213 -8.09 -15.17 6.45
N SER A 214 -7.98 -15.82 7.61
CA SER A 214 -8.28 -15.23 8.94
C SER A 214 -7.29 -14.12 9.28
N GLY A 215 -6.12 -14.06 8.64
CA GLY A 215 -5.07 -13.05 8.94
C GLY A 215 -5.24 -11.81 8.09
N THR A 216 -6.17 -11.80 7.12
CA THR A 216 -6.35 -10.63 6.22
C THR A 216 -7.03 -9.49 7.02
N LEU A 217 -7.06 -8.28 6.45
CA LEU A 217 -7.90 -7.20 7.01
C LEU A 217 -9.32 -7.72 7.28
N GLN A 218 -9.94 -8.37 6.29
CA GLN A 218 -11.29 -8.97 6.44
C GLN A 218 -11.32 -9.84 7.69
N GLY A 219 -10.37 -10.74 7.81
CA GLY A 219 -10.25 -11.67 8.96
C GLY A 219 -10.16 -10.93 10.28
N ILE A 220 -9.23 -9.97 10.37
CA ILE A 220 -9.05 -9.16 11.62
C ILE A 220 -10.37 -8.44 11.94
N LEU A 221 -11.00 -7.80 10.95
CA LEU A 221 -12.27 -7.07 11.18
C LEU A 221 -13.30 -8.04 11.74
N SER A 222 -13.32 -9.27 11.26
CA SER A 222 -14.34 -10.27 11.66
C SER A 222 -14.19 -10.58 13.15
N ARG A 223 -13.05 -10.26 13.76
CA ARG A 223 -12.78 -10.57 15.19
C ARG A 223 -12.74 -9.30 16.03
N SER A 224 -13.03 -8.14 15.45
CA SER A 224 -12.85 -6.81 16.07
C SER A 224 -14.14 -6.32 16.73
N GLY A 225 -15.21 -7.10 16.72
CA GLY A 225 -16.45 -6.75 17.44
C GLY A 225 -17.26 -5.69 16.74
N LYS A 226 -18.15 -5.04 17.49
CA LYS A 226 -19.26 -4.25 16.93
C LYS A 226 -19.37 -2.89 17.61
N SER A 227 -18.32 -2.42 18.26
CA SER A 227 -18.38 -1.08 18.87
C SER A 227 -18.69 -0.04 17.78
N THR A 228 -19.64 0.83 18.05
CA THR A 228 -19.95 1.94 17.12
C THR A 228 -19.08 3.15 17.43
N ASP A 229 -18.23 3.08 18.45
CA ASP A 229 -17.33 4.19 18.80
C ASP A 229 -16.00 3.94 18.09
N GLU A 230 -15.55 4.88 17.26
CA GLU A 230 -14.40 4.63 16.35
C GLU A 230 -13.17 4.29 17.17
N LYS A 231 -12.84 5.09 18.19
CA LYS A 231 -11.59 4.87 18.95
C LYS A 231 -11.70 3.50 19.63
N THR A 232 -12.86 3.16 20.19
CA THR A 232 -13.04 1.90 20.94
C THR A 232 -12.88 0.72 19.99
N PHE A 233 -13.57 0.76 18.86
CA PHE A 233 -13.46 -0.31 17.83
C PHE A 233 -12.00 -0.45 17.40
N MET A 234 -11.31 0.66 17.17
CA MET A 234 -9.93 0.57 16.66
C MET A 234 -9.00 0.02 17.73
N LYS A 235 -9.22 0.33 19.02
CA LYS A 235 -8.39 -0.29 20.07
C LYS A 235 -8.50 -1.81 19.97
N LYS A 236 -9.69 -2.33 19.75
CA LYS A 236 -9.87 -3.80 19.69
C LYS A 236 -9.25 -4.33 18.40
N PHE A 237 -9.46 -3.58 17.32
CA PHE A 237 -8.84 -3.93 16.02
C PHE A 237 -7.32 -4.09 16.24
N TYR A 238 -6.66 -3.09 16.84
CA TYR A 238 -5.19 -3.15 16.99
C TYR A 238 -4.83 -4.38 17.81
N ALA A 239 -5.60 -4.65 18.86
CA ALA A 239 -5.28 -5.79 19.73
C ALA A 239 -5.39 -7.10 18.94
N GLU A 240 -6.42 -7.24 18.14
CA GLU A 240 -6.62 -8.47 17.35
C GLU A 240 -5.54 -8.57 16.27
N ARG A 241 -5.22 -7.45 15.63
CA ARG A 241 -4.13 -7.51 14.61
C ARG A 241 -2.83 -7.97 15.29
N THR A 242 -2.54 -7.43 16.46
CA THR A 242 -1.27 -7.66 17.13
C THR A 242 -1.11 -9.15 17.44
N LEU A 243 -2.20 -9.90 17.59
CA LEU A 243 -2.11 -11.35 17.89
C LEU A 243 -1.51 -12.08 16.68
N VAL A 244 -1.59 -11.54 15.47
CA VAL A 244 -1.11 -12.31 14.28
C VAL A 244 -0.06 -11.54 13.51
N VAL A 245 0.22 -10.29 13.86
CA VAL A 245 1.05 -9.42 12.96
C VAL A 245 2.50 -9.91 12.90
N ASP A 246 2.98 -10.70 13.85
CA ASP A 246 4.37 -11.21 13.79
C ASP A 246 4.37 -12.68 13.40
N THR A 247 3.28 -13.21 12.87
CA THR A 247 3.18 -14.60 12.39
C THR A 247 3.19 -14.60 10.88
N ASN A 248 3.35 -15.78 10.27
CA ASN A 248 3.16 -15.97 8.81
C ASN A 248 4.07 -15.04 8.02
N ASP A 249 5.20 -14.60 8.60
CA ASP A 249 6.14 -13.67 7.95
C ASP A 249 5.44 -12.39 7.50
N TYR A 250 4.31 -12.02 8.09
CA TYR A 250 3.81 -10.64 7.83
C TYR A 250 4.91 -9.65 8.21
N ASN A 251 5.52 -9.87 9.37
CA ASN A 251 6.62 -9.07 9.91
C ASN A 251 7.47 -10.02 10.73
N GLN A 252 8.69 -9.61 11.02
CA GLN A 252 9.60 -10.31 11.94
C GLN A 252 9.48 -9.67 13.31
N PRO A 253 9.25 -10.49 14.36
CA PRO A 253 9.09 -9.97 15.70
C PRO A 253 10.33 -9.24 16.19
N PRO A 254 10.20 -8.11 16.90
CA PRO A 254 8.91 -7.49 17.25
C PRO A 254 8.47 -6.35 16.33
N ASN A 255 8.89 -6.39 15.08
CA ASN A 255 8.61 -5.31 14.10
C ASN A 255 7.09 -5.21 13.88
N GLY A 256 6.37 -6.33 13.76
CA GLY A 256 4.91 -6.26 13.57
C GLY A 256 4.21 -5.63 14.77
N LYS A 257 4.60 -5.99 15.97
CA LYS A 257 4.02 -5.40 17.20
C LYS A 257 4.24 -3.88 17.20
N ASN A 258 5.45 -3.43 16.89
CA ASN A 258 5.79 -1.99 16.83
C ASN A 258 5.01 -1.31 15.69
N ARG A 259 4.87 -2.01 14.57
CA ARG A 259 4.11 -1.53 13.40
C ARG A 259 2.68 -1.20 13.84
N VAL A 260 2.03 -2.09 14.56
CA VAL A 260 0.61 -1.83 14.96
C VAL A 260 0.60 -0.70 15.99
N LYS A 261 1.55 -0.70 16.93
CA LYS A 261 1.65 0.36 17.98
C LYS A 261 1.72 1.75 17.39
N GLN A 262 2.35 1.91 16.22
CA GLN A 262 2.42 3.20 15.47
C GLN A 262 1.03 3.79 15.32
N TRP A 263 0.11 2.96 14.83
CA TRP A 263 -1.27 3.39 14.49
C TRP A 263 -2.07 3.62 15.77
N SER A 264 -1.96 2.72 16.71
CA SER A 264 -2.72 2.80 17.98
CA SER A 264 -2.71 2.81 17.97
C SER A 264 -2.29 4.07 18.73
N GLN A 265 -1.02 4.40 18.75
CA GLN A 265 -0.53 5.53 19.59
C GLN A 265 -1.04 6.85 19.07
N LEU A 266 -1.36 6.93 17.78
CA LEU A 266 -1.75 8.24 17.21
C LEU A 266 -3.12 8.71 17.70
N TRP A 267 -3.95 7.81 18.22
CA TRP A 267 -5.28 8.17 18.75
C TRP A 267 -5.11 9.14 19.93
N ASP A 268 -4.36 8.75 20.93
CA ASP A 268 -4.25 9.59 22.17
C ASP A 268 -3.38 10.80 21.88
N MET A 269 -2.61 10.79 20.81
CA MET A 269 -1.88 12.00 20.37
C MET A 269 -2.80 12.98 19.62
N GLY A 270 -4.09 12.65 19.42
CA GLY A 270 -5.09 13.54 18.80
C GLY A 270 -4.91 13.63 17.30
N LYS A 271 -4.39 12.58 16.67
CA LYS A 271 -4.07 12.65 15.22
C LYS A 271 -4.96 11.74 14.39
N ALA A 272 -6.21 11.53 14.78
CA ALA A 272 -7.18 10.75 14.00
C ALA A 272 -7.23 11.30 12.58
N ASP A 273 -7.12 12.62 12.42
CA ASP A 273 -7.26 13.22 11.06
C ASP A 273 -5.94 13.20 10.27
N LEU A 274 -4.81 12.80 10.86
CA LEU A 274 -3.48 12.80 10.24
C LEU A 274 -3.22 14.14 9.56
N LYS A 275 -3.59 15.22 10.26
CA LYS A 275 -3.21 16.58 9.85
C LYS A 275 -2.34 17.19 10.94
N ASN A 276 -1.36 17.98 10.51
CA ASN A 276 -0.41 18.62 11.45
CA ASN A 276 -0.39 18.61 11.43
C ASN A 276 0.19 17.54 12.35
N ALA A 277 0.62 16.44 11.76
CA ALA A 277 1.00 15.23 12.48
C ALA A 277 2.45 14.85 12.20
N ASP A 278 3.26 15.74 11.63
CA ASP A 278 4.66 15.37 11.23
C ASP A 278 5.48 14.93 12.44
N ASP A 279 5.48 15.68 13.53
CA ASP A 279 6.27 15.32 14.74
C ASP A 279 5.72 14.04 15.36
N ALA A 280 4.40 13.88 15.42
CA ALA A 280 3.77 12.68 16.02
C ALA A 280 4.21 11.45 15.23
N ILE A 281 4.22 11.58 13.91
CA ILE A 281 4.60 10.46 13.01
C ILE A 281 6.08 10.13 13.19
N VAL A 282 6.95 11.13 13.28
CA VAL A 282 8.38 10.85 13.56
C VAL A 282 8.49 10.11 14.90
N LYS A 283 7.74 10.55 15.92
CA LYS A 283 7.80 9.92 17.26
C LYS A 283 7.37 8.45 17.18
N VAL A 284 6.22 8.17 16.58
CA VAL A 284 5.66 6.78 16.67
C VAL A 284 6.47 5.86 15.73
N THR A 285 7.23 6.40 14.78
CA THR A 285 8.03 5.58 13.84
C THR A 285 9.50 5.44 14.30
N SER A 286 9.86 5.94 15.49
CA SER A 286 11.26 6.04 15.99
C SER A 286 11.75 4.70 16.53
N TRP A 287 10.96 3.64 16.41
CA TRP A 287 11.40 2.30 16.84
C TRP A 287 12.46 1.69 15.92
N LYS A 288 13.35 0.88 16.48
CA LYS A 288 14.43 0.24 15.71
C LYS A 288 13.91 -1.07 15.14
N MET A 289 14.04 -1.21 13.83
CA MET A 289 13.64 -2.43 13.10
C MET A 289 14.69 -3.51 13.38
N LYS A 290 14.25 -4.68 13.84
CA LYS A 290 15.12 -5.88 13.94
C LYS A 290 15.23 -6.51 12.55
CAC FLC B . 12.73 -15.09 -10.36
CA FLC B . 12.45 -16.57 -10.54
CB FLC B . 11.38 -17.06 -9.56
CBC FLC B . 10.15 -16.13 -9.71
CG FLC B . 11.02 -18.52 -9.88
CGC FLC B . 9.82 -19.09 -9.15
OA1 FLC B . 11.91 -14.26 -10.84
OA2 FLC B . 13.70 -14.79 -9.63
OB1 FLC B . 9.34 -16.35 -10.64
OB2 FLC B . 10.08 -15.19 -8.90
OG1 FLC B . 9.62 -20.32 -9.29
OG2 FLC B . 9.11 -18.35 -8.45
OHB FLC B . 11.89 -16.95 -8.24
C1 EDO C . -2.11 0.04 -25.87
O1 EDO C . -1.17 0.30 -26.91
C2 EDO C . -2.65 -1.34 -25.95
O2 EDO C . -3.76 -1.61 -25.16
#